data_4RYV
#
_entry.id   4RYV
#
_cell.length_a   70.970
_cell.length_b   63.910
_cell.length_c   47.560
_cell.angle_alpha   90.00
_cell.angle_beta   126.68
_cell.angle_gamma   90.00
#
_symmetry.space_group_name_H-M   'C 1 2 1'
#
loop_
_entity.id
_entity.type
_entity.pdbx_description
1 polymer 'Protein LLPR-10.1A'
2 non-polymer (2E)-2-methyl-4-(9H-purin-6-ylamino)but-2-en-1-ol
3 non-polymer 'SULFATE ION'
4 water water
#
_entity_poly.entity_id   1
_entity_poly.type   'polypeptide(L)'
_entity_poly.pdbx_seq_one_letter_code
;GIFAFENEQSSTVAPAKLYKALTKDSDEIVPKVIEPIQSVEIVEGNGGPGTIKKIIAIHDGHTSFVLHKLDAIDEANLTY
NYSIIGGEGLDESLEKISYESKILPGPDGGSIGKINVKFHTKGDVLSETVRDQAKFKGLGLFKAIEGYVLAHPDY
;
_entity_poly.pdbx_strand_id   A
#
# COMPACT_ATOMS: atom_id res chain seq x y z
N GLY A 1 19.89 7.68 2.40
CA GLY A 1 19.34 7.86 3.77
C GLY A 1 18.18 6.95 3.96
N ILE A 2 17.86 6.73 5.23
CA ILE A 2 16.69 5.91 5.59
C ILE A 2 15.95 6.64 6.67
N PHE A 3 14.66 6.91 6.42
CA PHE A 3 13.78 7.55 7.34
C PHE A 3 12.62 6.62 7.65
N ALA A 4 12.53 6.29 8.90
CA ALA A 4 11.52 5.30 9.38
C ALA A 4 10.39 5.97 10.11
N PHE A 5 9.18 5.43 9.88
CA PHE A 5 7.96 5.94 10.49
C PHE A 5 7.09 4.75 10.89
N GLU A 6 6.26 4.96 11.88
CA GLU A 6 5.23 4.00 12.29
C GLU A 6 3.88 4.69 12.24
N ASN A 7 2.83 3.93 11.86
CA ASN A 7 1.47 4.48 11.82
C ASN A 7 0.51 3.41 12.26
N GLU A 8 -0.52 3.81 12.99
CA GLU A 8 -1.54 2.89 13.49
C GLU A 8 -2.91 3.45 13.16
N GLN A 9 -3.81 2.56 12.71
CA GLN A 9 -5.20 2.94 12.41
C GLN A 9 -6.12 1.91 13.03
N SER A 10 -7.20 2.38 13.66
CA SER A 10 -8.23 1.51 14.15
CA SER A 10 -8.19 1.44 14.13
C SER A 10 -9.31 1.33 13.09
N SER A 11 -9.92 0.14 13.05
CA SER A 11 -11.01 -0.13 12.12
C SER A 11 -12.07 -0.95 12.86
N THR A 12 -13.32 -0.79 12.46
CA THR A 12 -14.39 -1.66 12.93
C THR A 12 -14.45 -2.99 12.17
N VAL A 13 -13.73 -3.13 11.07
CA VAL A 13 -13.75 -4.34 10.26
C VAL A 13 -12.96 -5.42 10.99
N ALA A 14 -13.47 -6.67 10.96
CA ALA A 14 -12.74 -7.74 11.60
C ALA A 14 -11.37 -7.99 10.98
N PRO A 15 -10.41 -8.46 11.79
CA PRO A 15 -9.04 -8.50 11.30
C PRO A 15 -8.88 -9.35 10.04
N ALA A 16 -9.39 -10.56 10.01
CA ALA A 16 -9.13 -11.40 8.84
C ALA A 16 -9.78 -10.79 7.57
N LYS A 17 -10.95 -10.19 7.75
CA LYS A 17 -11.70 -9.65 6.62
C LYS A 17 -10.96 -8.40 6.08
N LEU A 18 -10.47 -7.55 6.98
CA LEU A 18 -9.68 -6.36 6.57
C LEU A 18 -8.44 -6.82 5.87
N TYR A 19 -7.71 -7.78 6.44
CA TYR A 19 -6.48 -8.26 5.82
C TYR A 19 -6.73 -8.82 4.46
N LYS A 20 -7.79 -9.54 4.28
CA LYS A 20 -8.12 -10.14 3.01
C LYS A 20 -8.33 -9.02 1.95
N ALA A 21 -9.07 -7.98 2.29
CA ALA A 21 -9.30 -6.87 1.38
C ALA A 21 -8.01 -6.18 0.97
N LEU A 22 -7.10 -6.02 1.95
CA LEU A 22 -5.86 -5.26 1.73
C LEU A 22 -4.78 -6.10 1.05
N THR A 23 -5.00 -7.41 0.91
CA THR A 23 -4.05 -8.34 0.32
C THR A 23 -4.61 -9.06 -0.89
N LYS A 24 -5.30 -10.18 -0.63
CA LYS A 24 -5.90 -11.04 -1.66
C LYS A 24 -6.74 -10.24 -2.67
N ASP A 25 -7.56 -9.32 -2.17
CA ASP A 25 -8.54 -8.62 -3.02
C ASP A 25 -8.12 -7.21 -3.43
N SER A 26 -6.94 -6.77 -3.02
CA SER A 26 -6.54 -5.38 -3.23
CA SER A 26 -6.57 -5.37 -3.23
C SER A 26 -6.48 -4.98 -4.72
N ASP A 27 -5.93 -5.88 -5.57
CA ASP A 27 -5.79 -5.53 -6.99
C ASP A 27 -7.17 -5.29 -7.66
N GLU A 28 -8.17 -6.07 -7.21
CA GLU A 28 -9.55 -5.92 -7.70
C GLU A 28 -10.20 -4.68 -7.13
N ILE A 29 -9.99 -4.42 -5.85
CA ILE A 29 -10.70 -3.30 -5.20
C ILE A 29 -10.11 -1.94 -5.61
N VAL A 30 -8.78 -1.86 -5.70
CA VAL A 30 -8.14 -0.53 -5.83
C VAL A 30 -8.63 0.32 -7.03
N PRO A 31 -8.73 -0.27 -8.21
CA PRO A 31 -9.23 0.57 -9.34
C PRO A 31 -10.66 1.03 -9.13
N LYS A 32 -11.44 0.26 -8.35
CA LYS A 32 -12.83 0.60 -8.07
C LYS A 32 -12.95 1.74 -7.09
N VAL A 33 -11.96 1.93 -6.24
CA VAL A 33 -12.06 2.93 -5.17
C VAL A 33 -11.19 4.17 -5.33
N ILE A 34 -10.11 4.06 -6.13
CA ILE A 34 -9.24 5.18 -6.40
C ILE A 34 -9.42 5.54 -7.89
N GLU A 35 -10.08 6.67 -8.14
CA GLU A 35 -10.51 6.98 -9.49
C GLU A 35 -9.35 7.01 -10.51
N PRO A 36 -8.22 7.62 -10.13
CA PRO A 36 -7.18 7.67 -11.13
C PRO A 36 -6.48 6.35 -11.45
N ILE A 37 -6.59 5.34 -10.60
CA ILE A 37 -5.96 4.07 -10.86
C ILE A 37 -6.81 3.28 -11.82
N GLN A 38 -6.18 2.91 -12.91
CA GLN A 38 -6.84 2.22 -14.02
C GLN A 38 -6.82 0.71 -13.89
N SER A 39 -5.66 0.18 -13.54
CA SER A 39 -5.47 -1.28 -13.45
C SER A 39 -4.21 -1.60 -12.67
N VAL A 40 -4.10 -2.85 -12.28
CA VAL A 40 -2.92 -3.42 -11.64
C VAL A 40 -2.57 -4.66 -12.44
N GLU A 41 -1.32 -4.77 -12.88
CA GLU A 41 -0.90 -5.91 -13.66
C GLU A 41 0.40 -6.47 -13.09
N ILE A 42 0.50 -7.79 -13.01
CA ILE A 42 1.73 -8.46 -12.60
C ILE A 42 2.64 -8.44 -13.82
N VAL A 43 3.85 -7.99 -13.57
CA VAL A 43 4.89 -7.93 -14.60
C VAL A 43 6.05 -8.94 -14.39
N GLU A 44 6.19 -9.45 -13.18
CA GLU A 44 7.18 -10.47 -12.87
C GLU A 44 6.64 -11.32 -11.74
N GLY A 45 6.83 -12.66 -11.83
CA GLY A 45 6.35 -13.55 -10.79
C GLY A 45 4.94 -14.06 -10.97
N ASN A 46 4.49 -14.83 -9.98
CA ASN A 46 3.24 -15.57 -10.11
C ASN A 46 2.23 -15.18 -9.09
N GLY A 47 2.59 -14.23 -8.25
CA GLY A 47 1.74 -13.78 -7.19
C GLY A 47 2.35 -13.97 -5.82
N GLY A 48 3.35 -14.82 -5.68
CA GLY A 48 4.02 -15.04 -4.40
C GLY A 48 5.10 -14.01 -4.11
N PRO A 49 5.81 -14.16 -2.99
CA PRO A 49 6.89 -13.20 -2.73
C PRO A 49 7.83 -13.07 -3.92
N GLY A 50 8.29 -11.84 -4.13
CA GLY A 50 9.13 -11.39 -5.25
C GLY A 50 8.32 -10.88 -6.45
N THR A 51 7.03 -11.07 -6.43
CA THR A 51 6.15 -10.63 -7.51
C THR A 51 6.17 -9.11 -7.62
N ILE A 52 6.32 -8.62 -8.86
CA ILE A 52 6.29 -7.20 -9.14
C ILE A 52 5.05 -6.92 -9.94
N LYS A 53 4.36 -5.86 -9.51
CA LYS A 53 3.16 -5.37 -10.13
C LYS A 53 3.36 -3.93 -10.59
N LYS A 54 2.72 -3.61 -11.70
CA LYS A 54 2.64 -2.25 -12.16
CA LYS A 54 2.60 -2.22 -12.18
C LYS A 54 1.20 -1.75 -11.84
N ILE A 55 1.14 -0.66 -11.10
CA ILE A 55 -0.12 -0.01 -10.70
C ILE A 55 -0.22 1.17 -11.66
N ILE A 56 -1.16 1.07 -12.59
CA ILE A 56 -1.27 2.03 -13.71
C ILE A 56 -2.32 3.05 -13.39
N ALA A 57 -1.97 4.31 -13.52
CA ALA A 57 -2.87 5.42 -13.18
C ALA A 57 -2.79 6.49 -14.24
N ILE A 58 -3.70 7.45 -14.15
CA ILE A 58 -3.66 8.64 -14.95
C ILE A 58 -3.17 9.75 -14.06
N HIS A 59 -2.16 10.49 -14.51
CA HIS A 59 -1.63 11.60 -13.78
C HIS A 59 -1.40 12.73 -14.74
N ASP A 60 -1.90 13.92 -14.43
CA ASP A 60 -1.77 15.08 -15.31
C ASP A 60 -2.24 14.77 -16.70
N GLY A 61 -3.29 13.99 -16.83
CA GLY A 61 -3.90 13.67 -18.12
C GLY A 61 -3.16 12.65 -18.98
N HIS A 62 -2.14 12.00 -18.41
CA HIS A 62 -1.39 10.96 -19.15
C HIS A 62 -1.22 9.70 -18.29
N THR A 63 -0.83 8.59 -18.93
CA THR A 63 -0.63 7.37 -18.17
CA THR A 63 -0.63 7.36 -18.21
C THR A 63 0.63 7.49 -17.33
N SER A 64 0.67 6.78 -16.23
CA SER A 64 1.78 6.77 -15.32
C SER A 64 1.67 5.43 -14.58
N PHE A 65 2.77 5.02 -13.95
CA PHE A 65 2.69 3.83 -13.09
C PHE A 65 3.71 3.91 -11.95
N VAL A 66 3.45 3.05 -10.96
CA VAL A 66 4.47 2.68 -9.97
C VAL A 66 4.61 1.17 -9.96
N LEU A 67 5.78 0.72 -9.52
CA LEU A 67 6.14 -0.68 -9.38
C LEU A 67 6.12 -1.03 -7.90
N HIS A 68 5.34 -2.06 -7.61
CA HIS A 68 5.12 -2.63 -6.29
C HIS A 68 5.73 -4.03 -6.26
N LYS A 69 6.53 -4.30 -5.24
CA LYS A 69 7.11 -5.61 -5.02
C LYS A 69 6.54 -6.23 -3.73
N LEU A 70 6.16 -7.49 -3.83
CA LEU A 70 5.75 -8.24 -2.64
C LEU A 70 7.00 -8.81 -2.00
N ASP A 71 7.34 -8.34 -0.80
CA ASP A 71 8.52 -8.80 -0.09
C ASP A 71 8.26 -10.07 0.71
N ALA A 72 7.15 -10.12 1.43
CA ALA A 72 6.85 -11.29 2.23
C ALA A 72 5.39 -11.22 2.61
N ILE A 73 4.86 -12.40 2.89
CA ILE A 73 3.47 -12.50 3.42
C ILE A 73 3.39 -13.64 4.37
N ASP A 74 2.66 -13.42 5.46
CA ASP A 74 2.44 -14.47 6.46
C ASP A 74 0.97 -14.39 6.86
N GLU A 75 0.15 -15.10 6.10
CA GLU A 75 -1.29 -14.97 6.25
C GLU A 75 -1.78 -15.41 7.62
N ALA A 76 -1.17 -16.42 8.22
CA ALA A 76 -1.62 -16.88 9.54
C ALA A 76 -1.47 -15.78 10.57
N ASN A 77 -0.48 -14.92 10.40
CA ASN A 77 -0.16 -13.84 11.32
C ASN A 77 -0.62 -12.46 10.84
N LEU A 78 -1.34 -12.45 9.74
CA LEU A 78 -1.89 -11.23 9.19
C LEU A 78 -0.81 -10.17 8.94
N THR A 79 0.33 -10.61 8.38
CA THR A 79 1.39 -9.68 8.02
C THR A 79 1.59 -9.67 6.54
N TYR A 80 2.09 -8.53 6.06
CA TYR A 80 2.32 -8.33 4.65
C TYR A 80 3.34 -7.24 4.44
N ASN A 81 4.41 -7.57 3.75
CA ASN A 81 5.56 -6.65 3.56
C ASN A 81 5.72 -6.41 2.09
N TYR A 82 5.84 -5.14 1.70
N TYR A 82 5.81 -5.14 1.70
CA TYR A 82 5.93 -4.80 0.28
CA TYR A 82 5.88 -4.79 0.28
C TYR A 82 6.73 -3.54 0.16
C TYR A 82 6.66 -3.49 0.14
N SER A 83 7.14 -3.25 -1.10
CA SER A 83 7.89 -2.06 -1.39
C SER A 83 7.41 -1.39 -2.67
N ILE A 84 7.51 -0.07 -2.70
CA ILE A 84 7.30 0.71 -3.95
C ILE A 84 8.72 1.03 -4.48
N ILE A 85 9.03 0.41 -5.62
CA ILE A 85 10.43 0.36 -6.05
C ILE A 85 10.78 1.17 -7.30
N GLY A 86 9.78 1.69 -7.99
CA GLY A 86 10.09 2.49 -9.16
C GLY A 86 8.85 2.95 -9.87
N GLY A 87 9.08 3.47 -11.07
CA GLY A 87 8.07 4.09 -11.89
C GLY A 87 7.99 5.58 -11.62
N GLU A 88 7.29 6.26 -12.50
CA GLU A 88 7.14 7.70 -12.46
C GLU A 88 6.40 8.16 -11.20
N GLY A 89 5.53 7.29 -10.68
CA GLY A 89 4.78 7.60 -9.46
C GLY A 89 5.57 7.59 -8.17
N LEU A 90 6.82 7.10 -8.22
CA LEU A 90 7.72 7.13 -7.08
C LEU A 90 8.61 8.36 -7.21
N ASP A 91 8.63 9.21 -6.19
CA ASP A 91 9.37 10.44 -6.28
C ASP A 91 10.81 10.18 -6.66
N GLU A 92 11.36 11.06 -7.53
CA GLU A 92 12.76 10.90 -7.98
C GLU A 92 13.79 10.94 -6.87
N SER A 93 13.44 11.53 -5.72
CA SER A 93 14.36 11.60 -4.61
C SER A 93 14.47 10.29 -3.84
N LEU A 94 13.64 9.33 -4.19
CA LEU A 94 13.55 8.07 -3.44
C LEU A 94 14.06 6.88 -4.25
N GLU A 95 14.91 6.06 -3.61
CA GLU A 95 15.24 4.75 -4.18
CA GLU A 95 15.26 4.71 -4.13
C GLU A 95 14.03 3.80 -4.10
N LYS A 96 13.33 3.83 -2.96
CA LYS A 96 12.18 2.94 -2.71
C LYS A 96 11.57 3.42 -1.42
N ILE A 97 10.37 2.90 -1.19
CA ILE A 97 9.68 2.94 0.11
C ILE A 97 9.27 1.53 0.48
N SER A 98 9.73 1.08 1.67
CA SER A 98 9.44 -0.24 2.13
CA SER A 98 9.40 -0.24 2.09
C SER A 98 8.44 -0.19 3.26
N TYR A 99 7.55 -1.16 3.25
CA TYR A 99 6.48 -1.26 4.20
C TYR A 99 6.43 -2.65 4.85
N GLU A 100 6.16 -2.63 6.16
CA GLU A 100 5.90 -3.89 6.86
CA GLU A 100 5.94 -3.87 6.93
C GLU A 100 4.63 -3.67 7.65
N SER A 101 3.59 -4.41 7.25
CA SER A 101 2.28 -4.19 7.83
C SER A 101 1.80 -5.38 8.62
N LYS A 102 0.89 -5.13 9.55
CA LYS A 102 0.24 -6.15 10.35
C LYS A 102 -1.14 -5.68 10.64
N ILE A 103 -2.03 -6.64 10.73
CA ILE A 103 -3.39 -6.39 11.22
C ILE A 103 -3.56 -7.17 12.52
N LEU A 104 -3.96 -6.44 13.56
CA LEU A 104 -4.13 -6.99 14.90
C LEU A 104 -5.60 -6.91 15.31
N PRO A 105 -6.03 -7.77 16.25
CA PRO A 105 -7.39 -7.58 16.80
C PRO A 105 -7.51 -6.27 17.56
N GLY A 106 -8.69 -5.68 17.47
CA GLY A 106 -9.01 -4.43 18.12
C GLY A 106 -10.26 -4.68 18.96
N PRO A 107 -10.66 -3.68 19.72
CA PRO A 107 -11.86 -3.85 20.53
C PRO A 107 -13.13 -4.05 19.72
N ASP A 108 -14.12 -4.66 20.37
CA ASP A 108 -15.46 -4.76 19.82
C ASP A 108 -15.43 -5.46 18.45
N GLY A 109 -14.53 -6.45 18.29
CA GLY A 109 -14.50 -7.24 17.09
C GLY A 109 -13.77 -6.62 15.89
N GLY A 110 -13.22 -5.43 16.09
CA GLY A 110 -12.54 -4.70 15.05
C GLY A 110 -11.11 -5.06 14.94
N SER A 111 -10.32 -4.13 14.37
CA SER A 111 -8.94 -4.45 14.03
C SER A 111 -8.08 -3.16 14.26
N ILE A 112 -6.77 -3.38 14.41
CA ILE A 112 -5.83 -2.33 14.44
C ILE A 112 -4.83 -2.65 13.34
N GLY A 113 -4.67 -1.72 12.37
CA GLY A 113 -3.56 -1.79 11.42
C GLY A 113 -2.35 -1.09 11.94
N LYS A 114 -1.20 -1.77 11.89
CA LYS A 114 0.07 -1.13 12.20
C LYS A 114 0.98 -1.29 11.02
N ILE A 115 1.63 -0.19 10.64
CA ILE A 115 2.60 -0.23 9.56
C ILE A 115 3.90 0.48 9.94
N ASN A 116 4.99 -0.13 9.52
CA ASN A 116 6.30 0.47 9.62
C ASN A 116 6.74 0.79 8.18
N VAL A 117 7.11 2.03 7.98
CA VAL A 117 7.45 2.60 6.69
C VAL A 117 8.89 3.05 6.70
N LYS A 118 9.65 2.73 5.68
CA LYS A 118 11.01 3.26 5.53
C LYS A 118 11.18 3.86 4.17
N PHE A 119 11.43 5.15 4.21
CA PHE A 119 11.84 5.87 3.00
C PHE A 119 13.35 5.76 2.77
N HIS A 120 13.72 5.14 1.67
CA HIS A 120 15.12 5.06 1.28
C HIS A 120 15.42 6.20 0.30
N THR A 121 16.03 7.24 0.82
CA THR A 121 16.35 8.42 0.00
C THR A 121 17.65 8.28 -0.73
N LYS A 122 17.74 8.86 -1.93
CA LYS A 122 19.00 8.83 -2.67
C LYS A 122 20.06 9.69 -2.00
N GLY A 123 19.62 10.82 -1.46
CA GLY A 123 20.49 11.68 -0.65
C GLY A 123 20.23 11.53 0.82
N ASP A 124 20.59 12.55 1.59
CA ASP A 124 20.50 12.42 3.04
C ASP A 124 19.35 13.22 3.63
N VAL A 125 18.45 13.73 2.79
CA VAL A 125 17.29 14.47 3.31
C VAL A 125 16.01 13.88 2.72
N LEU A 126 14.94 13.98 3.52
CA LEU A 126 13.63 13.60 3.09
C LEU A 126 12.75 14.83 3.13
N SER A 127 12.34 15.25 1.94
CA SER A 127 11.40 16.34 1.80
C SER A 127 10.08 16.09 2.52
N GLU A 128 9.64 17.11 3.28
CA GLU A 128 8.38 17.02 4.01
C GLU A 128 7.23 16.78 3.03
N THR A 129 7.25 17.42 1.88
CA THR A 129 6.20 17.23 0.89
CA THR A 129 6.23 17.24 0.85
C THR A 129 6.25 15.80 0.31
N VAL A 130 7.45 15.30 0.05
CA VAL A 130 7.58 13.97 -0.50
C VAL A 130 7.02 12.95 0.52
N ARG A 131 7.43 13.16 1.77
CA ARG A 131 6.95 12.29 2.89
C ARG A 131 5.44 12.36 2.98
N ASP A 132 4.89 13.57 3.03
CA ASP A 132 3.45 13.71 3.27
C ASP A 132 2.65 13.20 2.12
N GLN A 133 3.08 13.47 0.90
CA GLN A 133 2.38 12.96 -0.28
C GLN A 133 2.32 11.41 -0.27
N ALA A 134 3.43 10.77 0.10
CA ALA A 134 3.45 9.30 0.17
C ALA A 134 2.49 8.81 1.27
N LYS A 135 2.49 9.50 2.42
CA LYS A 135 1.56 9.13 3.48
C LYS A 135 0.15 9.20 2.98
N PHE A 136 -0.24 10.30 2.35
CA PHE A 136 -1.64 10.43 1.90
C PHE A 136 -2.03 9.41 0.87
N LYS A 137 -1.12 9.00 0.02
N LYS A 137 -1.09 9.05 0.03
CA LYS A 137 -1.40 7.96 -0.98
CA LYS A 137 -1.32 8.02 -0.93
C LYS A 137 -1.61 6.61 -0.30
C LYS A 137 -1.64 6.71 -0.22
N GLY A 138 -0.71 6.28 0.62
CA GLY A 138 -0.84 4.99 1.28
C GLY A 138 -2.02 4.91 2.22
N LEU A 139 -2.15 5.96 3.06
CA LEU A 139 -3.27 5.94 4.01
C LEU A 139 -4.57 6.11 3.24
N GLY A 140 -4.56 6.86 2.15
CA GLY A 140 -5.73 6.94 1.31
C GLY A 140 -6.18 5.62 0.75
N LEU A 141 -5.25 4.82 0.28
CA LEU A 141 -5.51 3.48 -0.19
C LEU A 141 -6.15 2.63 0.94
N PHE A 142 -5.53 2.68 2.10
CA PHE A 142 -6.05 1.92 3.27
C PHE A 142 -7.48 2.33 3.54
N LYS A 143 -7.74 3.62 3.64
CA LYS A 143 -9.08 4.09 4.00
C LYS A 143 -10.08 3.85 2.92
N ALA A 144 -9.68 3.92 1.67
CA ALA A 144 -10.59 3.66 0.55
C ALA A 144 -10.95 2.17 0.47
N ILE A 145 -9.99 1.29 0.72
CA ILE A 145 -10.27 -0.14 0.71
C ILE A 145 -11.15 -0.45 1.93
N GLU A 146 -10.79 0.06 3.10
CA GLU A 146 -11.68 -0.16 4.28
C GLU A 146 -13.05 0.35 3.98
N GLY A 147 -13.18 1.53 3.41
CA GLY A 147 -14.49 2.12 3.13
C GLY A 147 -15.33 1.28 2.21
N TYR A 148 -14.70 0.62 1.25
CA TYR A 148 -15.37 -0.29 0.33
C TYR A 148 -15.93 -1.51 1.10
N VAL A 149 -15.12 -2.08 1.98
CA VAL A 149 -15.57 -3.22 2.79
C VAL A 149 -16.73 -2.78 3.65
N LEU A 150 -16.62 -1.60 4.30
CA LEU A 150 -17.71 -1.11 5.16
C LEU A 150 -18.95 -0.90 4.38
N ALA A 151 -18.85 -0.42 3.15
CA ALA A 151 -20.03 -0.16 2.30
C ALA A 151 -20.63 -1.50 1.80
N HIS A 152 -19.75 -2.46 1.50
CA HIS A 152 -20.10 -3.69 0.77
C HIS A 152 -19.57 -4.90 1.49
N PRO A 153 -20.12 -5.20 2.69
CA PRO A 153 -19.55 -6.27 3.48
C PRO A 153 -19.58 -7.62 2.78
N ASP A 154 -20.54 -7.80 1.86
CA ASP A 154 -20.71 -9.08 1.16
C ASP A 154 -20.08 -9.06 -0.26
N TYR A 155 -19.15 -8.14 -0.49
CA TYR A 155 -18.50 -8.04 -1.80
C TYR A 155 -17.83 -9.35 -2.22
#